data_8YDQ
#
_entry.id   8YDQ
#
_cell.length_a   74.860
_cell.length_b   74.860
_cell.length_c   100.580
_cell.angle_alpha   90.000
_cell.angle_beta   90.000
_cell.angle_gamma   120.000
#
_symmetry.space_group_name_H-M   'P 31 2 1'
#
loop_
_entity.id
_entity.type
_entity.pdbx_description
1 polymer 'SARS-CoV-2 inhibiting peptide Ce149'
2 polymer 'Spike protein S1'
3 non-polymer GLYCEROL
4 water water
#
loop_
_entity_poly.entity_id
_entity_poly.type
_entity_poly.pdbx_seq_one_letter_code
_entity_poly.pdbx_strand_id
1 'polypeptide(L)' DKEWILYKIYEIMVRLDEEGHGEASLMVSDLIYEFMKRD A
2 'polypeptide(L)'
;TNLCPFDEVFNATRFASVYAWNRKRISNCVADYSVLYNFAPFSAFKCYGVSPTKLNDLCFTNVYADSFVIRGNEVSQIAP
GQTGNIADYNYKLPDDFTGCVIAWNSNKLDSKVGGNYNYLYRLFRKSNLKPFERDISTEIYQAGNKPCNGVAGFNCYFPL
RSYGFRPTYGVGHQPYRVVVLSFELLHAPATVCGSNSENLYFQGSHHHHHHHHHHGLNDIFEAQKIEWHE
;
B
#
loop_
_chem_comp.id
_chem_comp.type
_chem_comp.name
_chem_comp.formula
GOL non-polymer GLYCEROL 'C3 H8 O3'
#
# COMPACT_ATOMS: atom_id res chain seq x y z
N ASP A 1 -3.42 11.86 -30.99
CA ASP A 1 -2.67 10.62 -30.82
C ASP A 1 -2.79 10.09 -29.40
N LYS A 2 -2.01 9.04 -29.09
CA LYS A 2 -2.07 8.45 -27.76
C LYS A 2 -1.60 9.43 -26.69
N GLU A 3 -0.64 10.29 -27.03
CA GLU A 3 -0.12 11.23 -26.04
C GLU A 3 -1.12 12.33 -25.73
N TRP A 4 -1.86 12.79 -26.75
CA TRP A 4 -2.84 13.85 -26.54
C TRP A 4 -3.97 13.36 -25.63
N ILE A 5 -4.50 12.17 -25.90
CA ILE A 5 -5.64 11.69 -25.12
C ILE A 5 -5.20 11.39 -23.68
N LEU A 6 -3.99 10.85 -23.51
CA LEU A 6 -3.46 10.66 -22.16
C LEU A 6 -3.43 11.98 -21.41
N TYR A 7 -2.93 13.04 -22.05
CA TYR A 7 -2.95 14.37 -21.43
C TYR A 7 -4.36 14.79 -21.06
N LYS A 8 -5.33 14.53 -21.93
CA LYS A 8 -6.70 14.95 -21.66
C LYS A 8 -7.32 14.14 -20.53
N ILE A 9 -6.99 12.84 -20.45
CA ILE A 9 -7.48 12.03 -19.34
C ILE A 9 -6.81 12.47 -18.03
N TYR A 10 -5.50 12.71 -18.06
CA TYR A 10 -4.83 13.28 -16.90
C TYR A 10 -5.48 14.60 -16.50
N GLU A 11 -5.71 15.48 -17.48
CA GLU A 11 -6.31 16.78 -17.19
C GLU A 11 -7.69 16.62 -16.56
N ILE A 12 -8.48 15.66 -17.03
CA ILE A 12 -9.83 15.49 -16.46
C ILE A 12 -9.74 14.87 -15.07
N MET A 13 -8.75 14.00 -14.83
CA MET A 13 -8.56 13.49 -13.48
C MET A 13 -8.34 14.63 -12.50
N VAL A 14 -7.42 15.55 -12.84
CA VAL A 14 -7.11 16.67 -11.97
C VAL A 14 -8.33 17.58 -11.81
N ARG A 15 -9.01 17.87 -12.92
CA ARG A 15 -10.16 18.78 -12.84
C ARG A 15 -11.26 18.19 -11.95
N LEU A 16 -11.55 16.90 -12.11
CA LEU A 16 -12.56 16.26 -11.26
C LEU A 16 -12.23 16.44 -9.79
N ASP A 17 -10.96 16.26 -9.42
CA ASP A 17 -10.55 16.44 -8.03
C ASP A 17 -10.72 17.89 -7.59
N GLU A 18 -10.32 18.84 -8.43
CA GLU A 18 -10.42 20.25 -8.05
C GLU A 18 -11.87 20.68 -7.84
N GLU A 19 -12.80 20.11 -8.61
CA GLU A 19 -14.20 20.49 -8.50
C GLU A 19 -14.99 19.62 -7.53
N GLY A 20 -14.30 18.90 -6.64
CA GLY A 20 -14.97 18.14 -5.60
C GLY A 20 -15.47 16.78 -6.01
N HIS A 21 -14.97 16.23 -7.12
CA HIS A 21 -15.39 14.90 -7.55
C HIS A 21 -14.26 13.90 -7.36
N GLY A 22 -13.80 13.75 -6.11
CA GLY A 22 -12.62 12.95 -5.85
C GLY A 22 -12.80 11.48 -6.15
N GLU A 23 -13.99 10.94 -5.88
CA GLU A 23 -14.24 9.53 -6.18
C GLU A 23 -14.20 9.28 -7.67
N ALA A 24 -14.81 10.18 -8.45
CA ALA A 24 -14.68 10.08 -9.90
C ALA A 24 -13.24 10.21 -10.34
N SER A 25 -12.47 11.09 -9.68
CA SER A 25 -11.08 11.28 -10.06
C SER A 25 -10.28 10.00 -9.84
N LEU A 26 -10.57 9.29 -8.75
CA LEU A 26 -9.89 8.02 -8.49
C LEU A 26 -10.22 6.99 -9.56
N MET A 27 -11.44 7.01 -10.10
CA MET A 27 -11.79 6.07 -11.16
C MET A 27 -11.06 6.40 -12.45
N VAL A 28 -10.88 7.69 -12.75
CA VAL A 28 -10.09 8.09 -13.91
C VAL A 28 -8.62 7.72 -13.71
N SER A 29 -8.11 7.90 -12.49
CA SER A 29 -6.75 7.44 -12.18
C SER A 29 -6.58 5.96 -12.54
N ASP A 30 -7.59 5.14 -12.23
CA ASP A 30 -7.51 3.73 -12.60
C ASP A 30 -7.44 3.55 -14.10
N LEU A 31 -8.18 4.37 -14.86
CA LEU A 31 -8.13 4.29 -16.31
C LEU A 31 -6.73 4.62 -16.83
N ILE A 32 -6.07 5.59 -16.22
CA ILE A 32 -4.73 5.97 -16.67
C ILE A 32 -3.76 4.80 -16.53
N TYR A 33 -3.82 4.11 -15.40
CA TYR A 33 -2.98 2.93 -15.22
C TYR A 33 -3.22 1.89 -16.32
N GLU A 34 -4.48 1.55 -16.56
CA GLU A 34 -4.77 0.51 -17.55
C GLU A 34 -4.38 0.98 -18.95
N PHE A 35 -4.59 2.25 -19.26
CA PHE A 35 -4.28 2.78 -20.58
C PHE A 35 -2.79 2.67 -20.88
N MET A 36 -1.95 3.10 -19.94
CA MET A 36 -0.51 3.09 -20.18
C MET A 36 0.06 1.68 -20.12
N LYS A 37 -0.67 0.72 -19.55
CA LYS A 37 -0.25 -0.67 -19.58
C LYS A 37 -0.54 -1.36 -20.91
N ARG A 38 -1.30 -0.71 -21.80
CA ARG A 38 -1.65 -1.33 -23.08
C ARG A 38 -0.54 -1.08 -24.10
N ASP A 39 -0.40 -2.03 -25.03
CA ASP A 39 0.61 -1.95 -26.08
C ASP A 39 0.27 -0.85 -27.09
N THR B 1 13.06 -11.57 27.67
CA THR B 1 12.71 -10.60 26.63
C THR B 1 11.34 -9.98 26.88
N ASN B 2 11.08 -8.86 26.22
CA ASN B 2 9.83 -8.13 26.40
C ASN B 2 8.77 -8.65 25.43
N LEU B 3 7.61 -7.99 25.45
CA LEU B 3 6.56 -8.30 24.49
C LEU B 3 6.81 -7.57 23.18
N CYS B 4 6.50 -8.24 22.07
CA CYS B 4 6.74 -7.65 20.75
C CYS B 4 5.82 -6.45 20.55
N PRO B 5 6.34 -5.32 20.06
CA PRO B 5 5.55 -4.09 19.96
C PRO B 5 4.66 -4.06 18.71
N PHE B 6 3.80 -5.07 18.58
CA PHE B 6 2.83 -5.06 17.49
C PHE B 6 1.77 -3.99 17.66
N ASP B 7 1.53 -3.55 18.90
CA ASP B 7 0.61 -2.44 19.12
C ASP B 7 1.15 -1.15 18.52
N GLU B 8 2.48 -0.99 18.51
CA GLU B 8 3.07 0.20 17.90
C GLU B 8 2.81 0.26 16.40
N VAL B 9 2.62 -0.90 15.77
CA VAL B 9 2.38 -0.97 14.33
C VAL B 9 0.89 -0.90 14.01
N PHE B 10 0.09 -1.74 14.65
CA PHE B 10 -1.34 -1.81 14.34
C PHE B 10 -2.08 -0.57 14.83
N ASN B 11 -1.71 -0.05 16.01
CA ASN B 11 -2.45 1.03 16.64
C ASN B 11 -1.75 2.39 16.47
N ALA B 12 -0.81 2.49 15.53
CA ALA B 12 -0.14 3.75 15.29
C ALA B 12 -1.14 4.82 14.85
N THR B 13 -0.89 6.06 15.27
CA THR B 13 -1.82 7.15 14.96
C THR B 13 -1.91 7.39 13.47
N ARG B 14 -0.77 7.47 12.79
CA ARG B 14 -0.71 7.72 11.36
C ARG B 14 0.01 6.57 10.68
N PHE B 15 -0.53 6.13 9.55
CA PHE B 15 0.11 5.13 8.70
C PHE B 15 0.85 5.81 7.56
N ALA B 16 1.78 5.08 6.96
CA ALA B 16 2.54 5.61 5.83
C ALA B 16 1.71 5.58 4.55
N SER B 17 2.08 6.43 3.61
CA SER B 17 1.60 6.27 2.24
C SER B 17 2.19 5.00 1.64
N VAL B 18 1.40 4.36 0.76
CA VAL B 18 1.78 3.04 0.26
C VAL B 18 3.08 3.12 -0.54
N TYR B 19 3.27 4.19 -1.31
CA TYR B 19 4.48 4.28 -2.12
C TYR B 19 5.71 4.44 -1.23
N ALA B 20 5.54 5.00 -0.04
CA ALA B 20 6.62 5.15 0.93
C ALA B 20 6.36 4.28 2.15
N TRP B 21 6.00 3.03 1.91
CA TRP B 21 5.52 2.15 2.97
C TRP B 21 6.57 1.96 4.06
N ASN B 22 6.11 1.87 5.31
CA ASN B 22 6.99 1.72 6.45
C ASN B 22 7.28 0.25 6.71
N ARG B 23 8.48 -0.02 7.23
CA ARG B 23 8.85 -1.35 7.67
C ARG B 23 9.41 -1.25 9.09
N LYS B 24 8.99 -2.18 9.94
CA LYS B 24 9.42 -2.26 11.33
C LYS B 24 10.00 -3.64 11.57
N ARG B 25 11.24 -3.70 12.05
CA ARG B 25 11.87 -4.98 12.40
C ARG B 25 11.46 -5.38 13.81
N ILE B 26 10.91 -6.57 13.95
CA ILE B 26 10.51 -7.13 15.23
C ILE B 26 11.48 -8.25 15.58
N SER B 27 12.12 -8.15 16.75
CA SER B 27 13.09 -9.16 17.15
C SER B 27 13.26 -9.13 18.66
N ASN B 28 13.77 -10.25 19.20
CA ASN B 28 14.10 -10.41 20.62
C ASN B 28 12.92 -10.04 21.51
N CYS B 29 11.82 -10.76 21.33
CA CYS B 29 10.61 -10.47 22.09
C CYS B 29 9.66 -11.66 21.99
N VAL B 30 8.62 -11.62 22.82
CA VAL B 30 7.57 -12.62 22.84
C VAL B 30 6.30 -11.97 22.30
N ALA B 31 5.69 -12.62 21.30
CA ALA B 31 4.54 -12.06 20.60
C ALA B 31 3.29 -12.84 20.98
N ASP B 32 2.38 -12.17 21.69
CA ASP B 32 1.04 -12.72 21.93
C ASP B 32 0.20 -12.38 20.71
N TYR B 33 0.15 -13.31 19.76
CA TYR B 33 -0.57 -13.07 18.51
C TYR B 33 -2.08 -13.04 18.67
N SER B 34 -2.59 -13.25 19.89
CA SER B 34 -4.04 -13.18 20.10
C SER B 34 -4.53 -11.75 20.13
N VAL B 35 -3.76 -10.83 20.74
CA VAL B 35 -4.11 -9.42 20.71
C VAL B 35 -4.12 -8.89 19.28
N LEU B 36 -3.44 -9.58 18.36
CA LEU B 36 -3.47 -9.20 16.96
C LEU B 36 -4.82 -9.52 16.34
N TYR B 37 -5.28 -10.77 16.50
CA TYR B 37 -6.51 -11.23 15.87
C TYR B 37 -7.74 -10.45 16.32
N ASN B 38 -7.72 -9.88 17.52
CA ASN B 38 -8.87 -9.15 18.06
C ASN B 38 -8.63 -7.64 18.09
N PHE B 39 -7.62 -7.15 17.35
CA PHE B 39 -7.37 -5.71 17.33
C PHE B 39 -8.50 -4.97 16.64
N ALA B 40 -9.11 -5.56 15.62
CA ALA B 40 -10.13 -4.90 14.83
C ALA B 40 -10.88 -5.95 14.02
N PRO B 41 -12.10 -5.64 13.56
CA PRO B 41 -12.74 -6.52 12.58
C PRO B 41 -12.03 -6.48 11.23
N PHE B 42 -11.13 -7.43 11.01
CA PHE B 42 -10.29 -7.41 9.83
C PHE B 42 -11.09 -7.77 8.59
N SER B 43 -10.97 -6.95 7.55
CA SER B 43 -11.58 -7.25 6.25
C SER B 43 -10.69 -8.13 5.40
N ALA B 44 -9.41 -8.27 5.75
CA ALA B 44 -8.50 -9.19 5.09
C ALA B 44 -7.59 -9.82 6.13
N PHE B 45 -7.34 -11.11 5.97
CA PHE B 45 -6.43 -11.85 6.86
C PHE B 45 -6.11 -13.17 6.16
N LYS B 46 -4.97 -13.22 5.49
CA LYS B 46 -4.55 -14.41 4.77
C LYS B 46 -3.07 -14.64 5.03
N CYS B 47 -2.72 -15.87 5.43
CA CYS B 47 -1.33 -16.21 5.67
C CYS B 47 -0.83 -17.14 4.58
N TYR B 48 0.48 -17.08 4.36
CA TYR B 48 1.15 -17.88 3.34
C TYR B 48 2.32 -18.59 4.00
N GLY B 49 2.38 -19.91 3.87
CA GLY B 49 3.45 -20.70 4.45
C GLY B 49 3.36 -20.90 5.95
N VAL B 50 2.36 -20.32 6.61
CA VAL B 50 2.15 -20.48 8.05
C VAL B 50 0.66 -20.59 8.31
N SER B 51 0.32 -21.26 9.40
CA SER B 51 -1.08 -21.31 9.83
C SER B 51 -1.39 -20.12 10.71
N PRO B 52 -2.49 -19.39 10.44
CA PRO B 52 -2.78 -18.19 11.25
C PRO B 52 -3.01 -18.48 12.72
N THR B 53 -3.72 -19.58 13.03
CA THR B 53 -4.07 -19.87 14.42
C THR B 53 -2.88 -20.37 15.23
N LYS B 54 -1.83 -20.85 14.58
CA LYS B 54 -0.69 -21.45 15.26
C LYS B 54 0.48 -20.48 15.42
N LEU B 55 0.26 -19.18 15.19
CA LEU B 55 1.36 -18.22 15.27
C LEU B 55 1.91 -18.12 16.69
N ASN B 56 1.06 -18.30 17.70
CA ASN B 56 1.55 -18.25 19.08
C ASN B 56 2.45 -19.42 19.43
N ASP B 57 2.56 -20.43 18.57
CA ASP B 57 3.40 -21.59 18.82
C ASP B 57 4.79 -21.47 18.21
N LEU B 58 4.96 -20.62 17.20
CA LEU B 58 6.15 -20.65 16.35
C LEU B 58 7.21 -19.67 16.83
N CYS B 59 8.43 -19.89 16.35
CA CYS B 59 9.56 -19.00 16.58
C CYS B 59 10.22 -18.65 15.26
N PHE B 60 10.69 -17.40 15.15
CA PHE B 60 11.32 -16.94 13.91
C PHE B 60 12.55 -16.11 14.25
N THR B 61 13.47 -16.04 13.28
CA THR B 61 14.67 -15.22 13.43
C THR B 61 14.31 -13.74 13.48
N ASN B 62 13.51 -13.29 12.52
CA ASN B 62 13.02 -11.92 12.48
C ASN B 62 11.59 -11.91 12.01
N VAL B 63 10.85 -10.89 12.44
CA VAL B 63 9.55 -10.57 11.90
C VAL B 63 9.61 -9.14 11.38
N TYR B 64 9.20 -8.95 10.13
CA TYR B 64 9.10 -7.61 9.55
C TYR B 64 7.64 -7.26 9.37
N ALA B 65 7.25 -6.09 9.87
CA ALA B 65 5.89 -5.58 9.75
C ALA B 65 5.90 -4.39 8.81
N ASP B 66 5.31 -4.55 7.63
CA ASP B 66 5.13 -3.47 6.67
C ASP B 66 3.71 -2.92 6.79
N SER B 67 3.56 -1.59 6.72
CA SER B 67 2.27 -0.98 6.95
C SER B 67 2.08 0.25 6.07
N PHE B 68 0.83 0.48 5.66
CA PHE B 68 0.48 1.55 4.73
C PHE B 68 -1.04 1.59 4.58
N VAL B 69 -1.52 2.58 3.82
CA VAL B 69 -2.95 2.74 3.53
C VAL B 69 -3.18 2.72 2.02
N ILE B 70 -4.21 2.00 1.59
CA ILE B 70 -4.65 1.97 0.19
C ILE B 70 -6.19 2.04 0.18
N ARG B 71 -6.74 2.03 -1.03
CA ARG B 71 -8.19 1.92 -1.21
C ARG B 71 -8.65 0.49 -0.96
N GLY B 72 -9.91 0.36 -0.51
CA GLY B 72 -10.47 -0.96 -0.30
C GLY B 72 -10.34 -1.87 -1.50
N ASN B 73 -10.64 -1.34 -2.69
CA ASN B 73 -10.57 -2.16 -3.90
C ASN B 73 -9.15 -2.59 -4.25
N GLU B 74 -8.14 -1.98 -3.64
CA GLU B 74 -6.74 -2.31 -3.92
C GLU B 74 -6.17 -3.34 -2.96
N VAL B 75 -6.87 -3.61 -1.85
CA VAL B 75 -6.38 -4.59 -0.86
C VAL B 75 -6.08 -5.94 -1.50
N SER B 76 -6.86 -6.33 -2.51
CA SER B 76 -6.65 -7.62 -3.14
C SER B 76 -5.34 -7.70 -3.91
N GLN B 77 -4.71 -6.57 -4.21
CA GLN B 77 -3.39 -6.59 -4.85
C GLN B 77 -2.27 -6.93 -3.88
N ILE B 78 -2.52 -6.87 -2.58
CA ILE B 78 -1.49 -7.20 -1.59
C ILE B 78 -1.48 -8.71 -1.40
N ALA B 79 -0.99 -9.42 -2.41
CA ALA B 79 -0.97 -10.88 -2.42
C ALA B 79 0.03 -11.31 -3.47
N PRO B 80 0.66 -12.48 -3.31
CA PRO B 80 1.63 -12.92 -4.31
C PRO B 80 0.98 -13.11 -5.67
N GLY B 81 1.76 -12.83 -6.71
CA GLY B 81 1.29 -13.03 -8.08
C GLY B 81 0.25 -12.04 -8.56
N GLN B 82 0.04 -10.94 -7.87
CA GLN B 82 -0.95 -9.95 -8.26
C GLN B 82 -0.32 -8.83 -9.09
N THR B 83 -1.12 -8.27 -10.00
CA THR B 83 -0.75 -7.09 -10.76
C THR B 83 -1.79 -6.00 -10.57
N GLY B 84 -1.40 -4.77 -10.88
CA GLY B 84 -2.27 -3.62 -10.70
C GLY B 84 -1.46 -2.39 -10.33
N ASN B 85 -2.13 -1.24 -10.17
CA ASN B 85 -1.40 0.00 -9.91
C ASN B 85 -0.60 -0.06 -8.61
N ILE B 86 -1.07 -0.82 -7.63
CA ILE B 86 -0.39 -0.91 -6.35
C ILE B 86 0.69 -1.99 -6.37
N ALA B 87 0.35 -3.18 -6.87
CA ALA B 87 1.35 -4.24 -6.94
C ALA B 87 2.49 -3.88 -7.89
N ASP B 88 2.20 -3.13 -8.95
CA ASP B 88 3.24 -2.82 -9.93
C ASP B 88 4.11 -1.65 -9.48
N TYR B 89 3.49 -0.57 -8.99
CA TYR B 89 4.18 0.70 -8.83
C TYR B 89 4.33 1.13 -7.38
N ASN B 90 3.78 0.40 -6.41
CA ASN B 90 3.80 0.88 -5.02
C ASN B 90 4.32 -0.15 -4.02
N TYR B 91 3.68 -1.32 -3.90
CA TYR B 91 4.12 -2.35 -2.96
C TYR B 91 3.92 -3.71 -3.60
N LYS B 92 4.99 -4.50 -3.68
CA LYS B 92 5.02 -5.76 -4.42
C LYS B 92 5.47 -6.90 -3.51
N LEU B 93 4.62 -7.98 -3.41
CA LEU B 93 5.02 -9.17 -2.66
C LEU B 93 5.65 -10.21 -3.58
N PRO B 94 6.62 -10.97 -3.08
CA PRO B 94 7.21 -12.03 -3.90
C PRO B 94 6.29 -13.24 -4.05
N ASP B 95 6.61 -14.06 -5.05
CA ASP B 95 5.85 -15.29 -5.25
C ASP B 95 6.00 -16.23 -4.06
N ASP B 96 7.20 -16.31 -3.47
CA ASP B 96 7.46 -17.22 -2.35
C ASP B 96 7.22 -16.56 -1.00
N PHE B 97 6.26 -15.64 -0.90
CA PHE B 97 6.03 -14.90 0.32
C PHE B 97 5.65 -15.83 1.48
N THR B 98 6.33 -15.67 2.61
CA THR B 98 6.01 -16.39 3.84
C THR B 98 5.60 -15.38 4.90
N GLY B 99 4.30 -15.28 5.15
CA GLY B 99 3.79 -14.37 6.14
C GLY B 99 2.30 -14.17 5.96
N CYS B 100 1.79 -13.09 6.56
CA CYS B 100 0.36 -12.79 6.54
C CYS B 100 0.11 -11.37 6.06
N VAL B 101 -1.03 -11.19 5.38
CA VAL B 101 -1.52 -9.89 4.97
C VAL B 101 -2.81 -9.62 5.74
N ILE B 102 -2.83 -8.54 6.52
CA ILE B 102 -3.94 -8.16 7.37
C ILE B 102 -4.39 -6.75 6.98
N ALA B 103 -5.70 -6.54 6.86
CA ALA B 103 -6.21 -5.24 6.46
C ALA B 103 -7.54 -4.96 7.14
N TRP B 104 -7.81 -3.68 7.40
CA TRP B 104 -9.08 -3.28 7.99
C TRP B 104 -9.48 -1.89 7.52
N ASN B 105 -10.80 -1.65 7.52
CA ASN B 105 -11.33 -0.37 7.12
C ASN B 105 -10.96 0.70 8.14
N SER B 106 -10.36 1.80 7.66
CA SER B 106 -9.95 2.89 8.53
C SER B 106 -10.64 4.19 8.15
N ASN B 107 -11.88 4.11 7.68
CA ASN B 107 -12.61 5.30 7.27
C ASN B 107 -12.76 6.30 8.41
N LYS B 108 -12.96 5.79 9.64
CA LYS B 108 -13.16 6.68 10.78
C LYS B 108 -11.88 7.38 11.24
N LEU B 109 -10.72 6.93 10.78
CA LEU B 109 -9.45 7.51 11.18
C LEU B 109 -8.74 8.29 10.09
N ASP B 110 -8.80 7.82 8.84
CA ASP B 110 -7.99 8.41 7.78
C ASP B 110 -8.80 9.22 6.76
N SER B 111 -10.12 9.17 6.81
CA SER B 111 -10.93 10.06 5.98
C SER B 111 -11.07 11.43 6.66
N LYS B 112 -11.56 12.39 5.89
CA LYS B 112 -11.66 13.76 6.37
C LYS B 112 -12.72 14.50 5.57
N VAL B 113 -13.47 15.37 6.25
CA VAL B 113 -14.34 16.30 5.54
C VAL B 113 -13.47 17.24 4.72
N GLY B 114 -13.80 17.37 3.44
CA GLY B 114 -12.97 18.12 2.51
C GLY B 114 -11.86 17.31 1.88
N GLY B 115 -11.55 16.14 2.42
CA GLY B 115 -10.56 15.26 1.80
C GLY B 115 -9.26 15.20 2.56
N ASN B 116 -8.79 13.99 2.82
CA ASN B 116 -7.48 13.78 3.44
C ASN B 116 -6.47 13.59 2.32
N TYR B 117 -5.61 14.58 2.11
CA TYR B 117 -4.61 14.50 1.06
C TYR B 117 -3.24 14.08 1.58
N ASN B 118 -3.17 13.55 2.80
CA ASN B 118 -1.91 13.11 3.37
C ASN B 118 -1.44 11.76 2.82
N TYR B 119 -2.34 10.95 2.27
CA TYR B 119 -1.99 9.63 1.75
C TYR B 119 -1.85 9.67 0.24
N LEU B 120 -0.69 9.23 -0.25
CA LEU B 120 -0.35 9.30 -1.67
C LEU B 120 -0.12 7.91 -2.24
N TYR B 121 -0.13 7.82 -3.57
CA TYR B 121 0.23 6.60 -4.29
C TYR B 121 0.92 6.98 -5.58
N ARG B 122 1.69 6.04 -6.13
CA ARG B 122 2.41 6.29 -7.37
C ARG B 122 1.57 5.83 -8.56
N LEU B 123 1.27 6.76 -9.45
CA LEU B 123 0.48 6.47 -10.65
C LEU B 123 1.34 6.15 -11.87
N PHE B 124 2.51 6.78 -11.99
CA PHE B 124 3.38 6.63 -13.14
C PHE B 124 4.69 5.99 -12.73
N ARG B 125 5.16 5.03 -13.53
CA ARG B 125 6.47 4.41 -13.33
C ARG B 125 6.82 3.63 -14.59
N LYS B 126 8.10 3.70 -14.99
CA LYS B 126 8.52 3.08 -16.24
C LYS B 126 8.50 1.56 -16.17
N SER B 127 8.79 0.99 -15.00
CA SER B 127 8.81 -0.46 -14.86
C SER B 127 8.20 -0.85 -13.52
N ASN B 128 7.85 -2.13 -13.39
CA ASN B 128 7.28 -2.64 -12.15
C ASN B 128 8.35 -2.80 -11.09
N LEU B 129 7.93 -2.66 -9.83
CA LEU B 129 8.83 -2.85 -8.70
C LEU B 129 9.23 -4.31 -8.58
N LYS B 130 10.42 -4.53 -8.04
CA LYS B 130 10.80 -5.85 -7.56
C LYS B 130 10.13 -6.09 -6.22
N PRO B 131 10.04 -7.34 -5.78
CA PRO B 131 9.47 -7.61 -4.45
C PRO B 131 10.17 -6.82 -3.36
N PHE B 132 9.37 -6.18 -2.51
CA PHE B 132 9.85 -5.43 -1.35
C PHE B 132 10.75 -4.25 -1.74
N GLU B 133 10.65 -3.79 -2.99
CA GLU B 133 11.31 -2.56 -3.38
C GLU B 133 10.48 -1.36 -2.94
N ARG B 134 11.16 -0.26 -2.63
CA ARG B 134 10.50 0.99 -2.24
C ARG B 134 11.06 2.11 -3.08
N ASP B 135 10.18 2.80 -3.81
CA ASP B 135 10.57 3.92 -4.67
C ASP B 135 9.90 5.17 -4.11
N ILE B 136 10.69 6.08 -3.55
CA ILE B 136 10.18 7.31 -2.98
C ILE B 136 10.53 8.53 -3.84
N SER B 137 11.06 8.32 -5.04
CA SER B 137 11.45 9.43 -5.89
C SER B 137 10.23 10.19 -6.40
N THR B 138 10.44 11.48 -6.69
CA THR B 138 9.40 12.35 -7.24
C THR B 138 9.83 12.99 -8.55
N GLU B 139 10.60 12.26 -9.36
CA GLU B 139 11.00 12.76 -10.67
C GLU B 139 9.78 12.87 -11.60
N ILE B 140 9.76 13.92 -12.41
CA ILE B 140 8.70 14.10 -13.39
C ILE B 140 8.75 12.96 -14.40
N TYR B 141 7.61 12.30 -14.60
CA TYR B 141 7.55 11.17 -15.52
C TYR B 141 7.48 11.66 -16.96
N GLN B 142 8.35 11.13 -17.81
CA GLN B 142 8.45 11.54 -19.21
C GLN B 142 7.65 10.54 -20.06
N ALA B 143 6.47 10.97 -20.50
CA ALA B 143 5.60 10.13 -21.32
C ALA B 143 5.87 10.25 -22.81
N GLY B 144 6.53 11.33 -23.24
CA GLY B 144 6.84 11.53 -24.64
C GLY B 144 8.33 11.39 -24.91
N ASN B 145 8.74 11.90 -26.08
CA ASN B 145 10.14 11.88 -26.47
C ASN B 145 10.92 13.06 -25.92
N LYS B 146 10.25 14.18 -25.66
CA LYS B 146 10.95 15.35 -25.16
C LYS B 146 11.30 15.17 -23.69
N PRO B 147 12.56 15.34 -23.31
CA PRO B 147 12.90 15.38 -21.88
C PRO B 147 12.13 16.47 -21.16
N CYS B 148 11.83 16.23 -19.89
CA CYS B 148 10.94 17.11 -19.15
C CYS B 148 11.68 18.21 -18.39
N ASN B 149 12.97 18.01 -18.08
CA ASN B 149 13.79 19.01 -17.41
C ASN B 149 13.17 19.45 -16.08
N GLY B 150 12.49 18.53 -15.40
CA GLY B 150 11.92 18.83 -14.10
C GLY B 150 10.72 19.75 -14.12
N VAL B 151 10.08 19.94 -15.28
CA VAL B 151 8.92 20.81 -15.41
C VAL B 151 7.71 19.95 -15.75
N ALA B 152 6.63 20.10 -14.98
CA ALA B 152 5.39 19.40 -15.25
C ALA B 152 4.60 20.12 -16.34
N GLY B 153 4.01 19.33 -17.24
CA GLY B 153 3.20 19.86 -18.32
C GLY B 153 2.77 18.77 -19.28
N PHE B 154 2.54 19.11 -20.54
CA PHE B 154 2.19 18.10 -21.53
C PHE B 154 3.28 17.05 -21.62
N ASN B 155 2.87 15.78 -21.57
CA ASN B 155 3.75 14.60 -21.58
C ASN B 155 4.71 14.55 -20.39
N CYS B 156 4.50 15.39 -19.37
CA CYS B 156 5.41 15.49 -18.24
C CYS B 156 4.60 15.57 -16.95
N TYR B 157 4.43 14.43 -16.28
CA TYR B 157 3.47 14.30 -15.19
C TYR B 157 4.18 14.02 -13.87
N PHE B 158 3.85 14.79 -12.85
CA PHE B 158 4.25 14.46 -11.49
C PHE B 158 3.76 13.06 -11.16
N PRO B 159 4.61 12.18 -10.60
CA PRO B 159 4.27 10.75 -10.58
C PRO B 159 3.34 10.32 -9.47
N LEU B 160 3.15 11.13 -8.42
CA LEU B 160 2.30 10.76 -7.31
C LEU B 160 0.95 11.44 -7.41
N ARG B 161 -0.07 10.77 -6.88
CA ARG B 161 -1.39 11.35 -6.67
C ARG B 161 -1.82 11.07 -5.25
N SER B 162 -2.63 11.97 -4.70
CA SER B 162 -3.18 11.77 -3.38
C SER B 162 -4.53 11.07 -3.45
N TYR B 163 -4.84 10.31 -2.41
CA TYR B 163 -6.10 9.57 -2.38
C TYR B 163 -7.29 10.49 -2.12
N GLY B 164 -7.12 11.50 -1.29
CA GLY B 164 -8.21 12.43 -1.01
C GLY B 164 -9.39 11.80 -0.29
N PHE B 165 -9.12 10.84 0.60
CA PHE B 165 -10.18 10.08 1.26
C PHE B 165 -11.19 10.99 1.96
N ARG B 166 -12.46 10.75 1.68
CA ARG B 166 -13.57 11.42 2.34
C ARG B 166 -14.54 10.38 2.90
N PRO B 167 -15.13 10.63 4.06
CA PRO B 167 -16.02 9.62 4.68
C PRO B 167 -17.24 9.30 3.86
N THR B 168 -17.63 10.17 2.92
CA THR B 168 -18.79 9.93 2.08
C THR B 168 -18.51 8.97 0.93
N TYR B 169 -17.26 8.52 0.78
CA TYR B 169 -16.91 7.66 -0.34
C TYR B 169 -17.54 6.27 -0.19
N GLY B 170 -17.71 5.61 -1.33
CA GLY B 170 -18.06 4.20 -1.30
C GLY B 170 -16.99 3.38 -0.60
N VAL B 171 -17.39 2.21 -0.12
CA VAL B 171 -16.48 1.38 0.69
C VAL B 171 -15.25 0.98 -0.12
N GLY B 172 -15.41 0.74 -1.42
CA GLY B 172 -14.28 0.39 -2.27
C GLY B 172 -13.29 1.52 -2.47
N HIS B 173 -13.67 2.75 -2.14
CA HIS B 173 -12.79 3.91 -2.22
C HIS B 173 -12.38 4.44 -0.86
N GLN B 174 -12.83 3.81 0.22
CA GLN B 174 -12.48 4.24 1.56
C GLN B 174 -11.08 3.74 1.92
N PRO B 175 -10.41 4.41 2.86
CA PRO B 175 -9.05 3.98 3.22
C PRO B 175 -9.09 2.69 4.01
N TYR B 176 -8.10 1.83 3.75
CA TYR B 176 -7.88 0.62 4.52
C TYR B 176 -6.43 0.62 5.00
N ARG B 177 -6.23 0.32 6.27
CA ARG B 177 -4.89 0.15 6.81
C ARG B 177 -4.47 -1.31 6.62
N VAL B 178 -3.26 -1.50 6.12
CA VAL B 178 -2.75 -2.83 5.79
C VAL B 178 -1.48 -3.05 6.60
N VAL B 179 -1.34 -4.25 7.15
CA VAL B 179 -0.12 -4.69 7.81
C VAL B 179 0.29 -6.00 7.16
N VAL B 180 1.53 -6.05 6.67
CA VAL B 180 2.09 -7.25 6.07
C VAL B 180 3.16 -7.78 7.00
N LEU B 181 2.96 -8.99 7.52
CA LEU B 181 3.91 -9.63 8.43
C LEU B 181 4.75 -10.62 7.64
N SER B 182 6.07 -10.41 7.62
CA SER B 182 7.01 -11.35 7.04
C SER B 182 7.68 -12.13 8.17
N PHE B 183 7.65 -13.46 8.06
CA PHE B 183 8.20 -14.34 9.08
C PHE B 183 9.47 -14.98 8.54
N GLU B 184 10.62 -14.54 9.05
CA GLU B 184 11.92 -14.90 8.52
C GLU B 184 12.58 -15.96 9.41
N LEU B 185 13.00 -17.05 8.80
CA LEU B 185 13.74 -18.10 9.49
C LEU B 185 15.08 -18.29 8.78
N LEU B 186 16.14 -17.68 9.32
CA LEU B 186 17.48 -17.84 8.79
C LEU B 186 18.16 -19.02 9.51
N HIS B 187 19.41 -19.29 9.12
CA HIS B 187 20.25 -20.25 9.85
C HIS B 187 20.86 -19.54 11.05
N ALA B 188 20.02 -19.33 12.07
CA ALA B 188 20.36 -18.42 13.16
C ALA B 188 19.35 -18.63 14.28
N PRO B 189 19.63 -18.11 15.48
CA PRO B 189 18.68 -18.24 16.59
C PRO B 189 17.35 -17.56 16.29
N ALA B 190 16.27 -18.18 16.78
CA ALA B 190 14.92 -17.65 16.62
C ALA B 190 14.53 -16.90 17.90
N THR B 191 14.55 -15.57 17.82
CA THR B 191 14.32 -14.71 18.98
C THR B 191 12.92 -14.08 18.99
N VAL B 192 12.09 -14.37 18.00
CA VAL B 192 10.71 -13.91 17.98
C VAL B 192 9.84 -15.15 18.11
N CYS B 193 9.30 -15.36 19.31
CA CYS B 193 8.50 -16.55 19.61
C CYS B 193 7.12 -16.14 20.09
N GLY B 194 6.11 -16.92 19.70
CA GLY B 194 4.79 -16.70 20.22
C GLY B 194 4.68 -16.99 21.70
N SER B 195 3.61 -16.46 22.31
CA SER B 195 3.40 -16.63 23.74
C SER B 195 3.23 -18.08 24.16
N ASN B 196 3.06 -19.00 23.21
CA ASN B 196 2.90 -20.41 23.54
C ASN B 196 4.11 -21.22 23.07
C1 GOL C . -8.46 11.95 -5.91
O1 GOL C . -8.87 13.08 -5.20
C2 GOL C . -7.16 12.34 -6.69
O2 GOL C . -7.41 13.29 -7.67
C3 GOL C . -6.67 11.02 -7.29
O3 GOL C . -5.69 11.36 -8.22
#